data_2GWN
#
_entry.id   2GWN
#
_cell.length_a   86.459
_cell.length_b   86.873
_cell.length_c   114.581
_cell.angle_alpha   90.00
_cell.angle_beta   90.00
_cell.angle_gamma   90.00
#
_symmetry.space_group_name_H-M   'I 2 2 2'
#
loop_
_entity.id
_entity.type
_entity.pdbx_description
1 polymer dihydroorotase
2 non-polymer 'ZINC ION'
3 non-polymer 'CACODYLATE ION'
4 non-polymer 'CHLORIDE ION'
5 non-polymer 'SULFATE ION'
6 non-polymer BETA-MERCAPTOETHANOL
7 non-polymer GLYCEROL
8 water water
#
_entity_poly.entity_id   1
_entity_poly.type   'polypeptide(L)'
_entity_poly.pdbx_seq_one_letter_code
;SNA(MSE)KILLRNALITNEGKTFPGSV(MSE)IDGAFISRIIEGELPADDNLSADEVIECSGLRLFPGCIDDQVHFREP
GLTHKATIASESRAAVAGGVTSF(MSE)D(MSE)PNTNPPTT(MSE)WERLLEKRQIGADTAWANYGFFFGGTNDNIDEI
KRVDKHLVPGL(KCX)LFLGSSTGN(MSE)LVDNKETLEKIFGECDLLIATHCEKEEIIRANKEHYKAKYGNDLDIHFHP
LIRSEEACYRSSAEAVELAER(MSE)NARLHILHLSTEKELSLFRNDIPTAQKRITSEVCVHHLWFSDTDYGRLGNRIKW
NPAIKKESDREALRAAVRNGRIDIIATDHAPHLLREKEGSCLQAASGGPLVQHSLLALLELCNQGIFSIEEIVSKTAHIP
ATLFAIEKRGYIRPGYYADLVLVDPSSPHTVSADNILSLCGWSPFEGFTFSHSVAYTFVNGCLAYAKGRLAESRPTVHPL
FFNR
;
_entity_poly.pdbx_strand_id   A
#
# COMPACT_ATOMS: atom_id res chain seq x y z
N SER A 1 23.49 6.08 -9.87
CA SER A 1 22.69 5.90 -11.12
C SER A 1 23.22 4.71 -11.92
N ASN A 2 22.33 3.97 -12.57
CA ASN A 2 22.77 2.96 -13.53
C ASN A 2 23.04 3.59 -14.91
N ALA A 3 24.13 3.17 -15.56
CA ALA A 3 24.49 3.64 -16.91
C ALA A 3 24.67 2.46 -17.88
N LYS A 5 23.77 -1.19 -19.88
CA LYS A 5 22.71 -2.02 -20.43
C LYS A 5 22.71 -3.35 -19.69
N ILE A 6 21.60 -3.63 -19.02
CA ILE A 6 21.47 -4.82 -18.22
C ILE A 6 20.35 -5.65 -18.78
N LEU A 7 20.65 -6.91 -19.07
CA LEU A 7 19.66 -7.82 -19.64
C LEU A 7 19.16 -8.76 -18.56
N LEU A 8 17.85 -8.70 -18.33
CA LEU A 8 17.18 -9.68 -17.49
C LEU A 8 16.74 -10.76 -18.44
N ARG A 9 17.47 -11.87 -18.42
CA ARG A 9 17.39 -12.81 -19.52
C ARG A 9 16.48 -14.01 -19.21
N ASN A 10 15.50 -14.24 -20.09
CA ASN A 10 14.61 -15.43 -20.05
C ASN A 10 13.82 -15.62 -18.77
N ALA A 11 13.23 -14.53 -18.31
CA ALA A 11 12.28 -14.56 -17.22
C ALA A 11 10.91 -15.04 -17.70
N LEU A 12 10.01 -15.26 -16.75
CA LEU A 12 8.57 -15.38 -17.05
C LEU A 12 7.92 -14.04 -16.72
N ILE A 13 7.60 -13.28 -17.75
CA ILE A 13 7.13 -11.91 -17.54
C ILE A 13 5.62 -11.86 -17.35
N THR A 14 5.15 -11.09 -16.38
CA THR A 14 3.72 -10.75 -16.31
C THR A 14 3.55 -9.26 -16.48
N ASN A 15 2.77 -8.87 -17.48
CA ASN A 15 2.51 -7.45 -17.74
C ASN A 15 1.25 -7.32 -18.56
N GLU A 16 0.38 -6.42 -18.12
CA GLU A 16 -0.83 -6.00 -18.83
C GLU A 16 -1.71 -7.19 -19.22
N GLY A 17 -1.93 -8.07 -18.25
CA GLY A 17 -2.91 -9.15 -18.43
C GLY A 17 -2.33 -10.39 -19.09
N LYS A 18 -1.05 -10.34 -19.44
CA LYS A 18 -0.40 -11.46 -20.15
C LYS A 18 0.78 -11.98 -19.33
N THR A 19 0.97 -13.29 -19.35
CA THR A 19 2.18 -13.88 -18.79
C THR A 19 2.87 -14.67 -19.91
N PHE A 20 4.17 -14.40 -20.09
CA PHE A 20 4.91 -14.98 -21.23
C PHE A 20 6.40 -15.01 -20.97
N PRO A 21 7.10 -16.07 -21.48
CA PRO A 21 8.56 -16.07 -21.38
C PRO A 21 9.09 -14.85 -22.11
N GLY A 22 10.09 -14.21 -21.54
CA GLY A 22 10.71 -13.09 -22.23
C GLY A 22 11.90 -12.53 -21.50
N SER A 23 12.59 -11.62 -22.15
CA SER A 23 13.70 -10.89 -21.56
C SER A 23 13.39 -9.40 -21.56
N VAL A 24 14.00 -8.69 -20.63
CA VAL A 24 13.87 -7.25 -20.56
C VAL A 24 15.23 -6.64 -20.56
N ILE A 26 17.32 -3.30 -19.82
CA ILE A 26 17.40 -2.05 -19.09
C ILE A 26 18.54 -1.23 -19.70
N ASP A 27 18.26 0.03 -20.00
CA ASP A 27 19.31 0.92 -20.46
C ASP A 27 19.36 2.13 -19.55
N GLY A 28 20.35 2.18 -18.67
CA GLY A 28 20.43 3.22 -17.66
C GLY A 28 19.22 3.12 -16.71
N ALA A 29 18.48 4.20 -16.54
CA ALA A 29 17.33 4.19 -15.61
C ALA A 29 16.07 3.62 -16.24
N PHE A 30 16.08 3.34 -17.53
CA PHE A 30 14.83 3.01 -18.24
C PHE A 30 14.77 1.61 -18.85
N ILE A 31 13.55 1.12 -19.05
CA ILE A 31 13.32 -0.09 -19.82
C ILE A 31 13.47 0.29 -21.29
N SER A 32 14.33 -0.40 -22.01
CA SER A 32 14.53 -0.04 -23.39
C SER A 32 13.85 -1.03 -24.31
N ARG A 33 13.79 -2.30 -23.91
CA ARG A 33 13.21 -3.33 -24.78
C ARG A 33 12.64 -4.50 -24.01
N ILE A 34 11.55 -5.05 -24.52
CA ILE A 34 11.00 -6.32 -24.05
C ILE A 34 11.11 -7.29 -25.23
N ILE A 35 11.76 -8.43 -25.00
CA ILE A 35 12.04 -9.37 -26.07
C ILE A 35 11.31 -10.65 -25.75
N GLU A 36 10.21 -10.91 -26.46
CA GLU A 36 9.44 -12.12 -26.19
C GLU A 36 10.17 -13.39 -26.52
N GLY A 37 9.96 -14.42 -25.71
CA GLY A 37 10.47 -15.77 -26.00
C GLY A 37 11.69 -16.11 -25.16
N GLU A 38 12.36 -17.18 -25.56
CA GLU A 38 13.59 -17.61 -24.88
C GLU A 38 14.77 -17.27 -25.79
N LEU A 39 15.65 -16.36 -25.35
CA LEU A 39 16.87 -16.11 -26.09
C LEU A 39 17.72 -17.38 -26.13
N PRO A 40 18.22 -17.74 -27.33
CA PRO A 40 19.09 -18.90 -27.45
C PRO A 40 20.33 -18.76 -26.56
N ALA A 41 20.98 -19.89 -26.32
CA ALA A 41 22.12 -20.00 -25.40
C ALA A 41 23.16 -18.87 -25.48
N ASP A 42 23.61 -18.60 -26.71
CA ASP A 42 24.75 -17.72 -26.96
C ASP A 42 24.41 -16.23 -27.00
N ASP A 43 23.11 -15.91 -26.93
CA ASP A 43 22.62 -14.61 -27.32
C ASP A 43 22.27 -13.74 -26.10
N ASN A 44 23.05 -12.68 -25.92
CA ASN A 44 22.85 -11.71 -24.84
C ASN A 44 22.54 -10.27 -25.31
N LEU A 45 22.23 -10.13 -26.60
CA LEU A 45 21.85 -8.84 -27.19
C LEU A 45 22.85 -7.70 -26.93
N SER A 46 24.13 -8.07 -26.82
CA SER A 46 25.22 -7.13 -26.48
C SER A 46 25.03 -6.35 -25.18
N ALA A 47 24.39 -6.96 -24.18
CA ALA A 47 24.27 -6.38 -22.86
C ALA A 47 25.63 -6.16 -22.20
N ASP A 48 25.73 -5.14 -21.35
CA ASP A 48 26.95 -4.93 -20.56
C ASP A 48 26.97 -5.93 -19.41
N GLU A 49 25.78 -6.29 -18.94
CA GLU A 49 25.63 -7.17 -17.81
C GLU A 49 24.41 -8.04 -18.03
N VAL A 50 24.48 -9.30 -17.61
CA VAL A 50 23.35 -10.20 -17.77
C VAL A 50 22.97 -10.76 -16.42
N ILE A 51 21.68 -10.76 -16.12
CA ILE A 51 21.17 -11.55 -15.00
C ILE A 51 20.32 -12.68 -15.58
N GLU A 52 20.75 -13.92 -15.33
CA GLU A 52 19.98 -15.07 -15.77
C GLU A 52 18.73 -15.24 -14.94
N CYS A 53 17.57 -15.13 -15.58
CA CYS A 53 16.29 -15.18 -14.89
C CYS A 53 15.44 -16.40 -15.15
N SER A 54 16.01 -17.44 -15.77
CA SER A 54 15.26 -18.67 -16.00
C SER A 54 14.71 -19.19 -14.67
N GLY A 55 13.40 -19.46 -14.62
CA GLY A 55 12.78 -19.94 -13.38
C GLY A 55 12.22 -18.81 -12.50
N LEU A 56 12.52 -17.56 -12.85
CA LEU A 56 12.05 -16.42 -12.07
C LEU A 56 10.88 -15.77 -12.77
N ARG A 57 10.03 -15.13 -11.98
CA ARG A 57 8.94 -14.32 -12.54
C ARG A 57 9.34 -12.86 -12.46
N LEU A 58 9.09 -12.12 -13.53
CA LEU A 58 9.42 -10.70 -13.60
C LEU A 58 8.16 -9.83 -13.70
N PHE A 59 7.99 -8.93 -12.72
CA PHE A 59 6.86 -7.99 -12.65
C PHE A 59 7.36 -6.54 -12.59
N PRO A 60 6.49 -5.57 -12.93
CA PRO A 60 6.81 -4.18 -12.58
C PRO A 60 6.79 -4.11 -11.04
N GLY A 61 7.65 -3.27 -10.44
CA GLY A 61 7.68 -3.13 -8.98
C GLY A 61 6.31 -2.68 -8.47
N CYS A 62 5.94 -3.10 -7.27
CA CYS A 62 4.68 -2.66 -6.67
C CYS A 62 4.76 -1.19 -6.33
N ILE A 63 3.62 -0.52 -6.50
CA ILE A 63 3.45 0.88 -6.17
C ILE A 63 2.40 0.89 -5.06
N ASP A 64 2.84 1.27 -3.87
CA ASP A 64 2.00 1.20 -2.68
C ASP A 64 1.40 2.57 -2.35
N ASP A 65 0.07 2.71 -2.40
CA ASP A 65 -0.55 4.02 -2.22
C ASP A 65 -0.75 4.40 -0.75
N GLN A 66 -0.29 3.57 0.18
CA GLN A 66 -0.57 3.89 1.59
C GLN A 66 0.43 3.27 2.54
N VAL A 67 1.42 4.07 2.97
CA VAL A 67 2.35 3.63 4.00
C VAL A 67 2.47 4.73 5.04
N HIS A 68 2.98 4.35 6.21
CA HIS A 68 3.22 5.33 7.27
C HIS A 68 4.65 5.09 7.72
N PHE A 69 5.60 5.86 7.23
CA PHE A 69 6.99 5.59 7.52
C PHE A 69 7.50 6.35 8.77
N ARG A 70 6.58 7.04 9.46
CA ARG A 70 6.80 7.56 10.83
C ARG A 70 7.82 8.69 10.95
N GLU A 71 8.12 9.37 9.84
CA GLU A 71 9.12 10.42 9.82
C GLU A 71 8.54 11.63 9.08
N PRO A 72 8.59 12.84 9.70
CA PRO A 72 9.27 13.14 10.94
C PRO A 72 8.50 12.77 12.22
N GLY A 73 9.24 12.62 13.31
CA GLY A 73 8.67 12.80 14.64
C GLY A 73 8.24 11.56 15.39
N LEU A 74 8.23 10.42 14.70
CA LEU A 74 7.80 9.17 15.34
C LEU A 74 8.87 8.10 15.07
N THR A 75 10.13 8.56 14.94
CA THR A 75 11.22 7.72 14.39
C THR A 75 11.73 6.59 15.27
N HIS A 76 11.24 6.52 16.51
CA HIS A 76 11.54 5.34 17.32
C HIS A 76 10.85 4.11 16.72
N LYS A 77 9.76 4.36 15.96
CA LYS A 77 8.99 3.28 15.34
C LYS A 77 9.61 2.83 14.01
N ALA A 78 10.20 3.78 13.27
CA ALA A 78 10.52 3.59 11.85
C ALA A 78 11.06 4.89 11.26
N THR A 79 11.78 4.78 10.14
CA THR A 79 12.13 5.96 9.34
C THR A 79 11.84 5.70 7.85
N ILE A 80 11.90 6.76 7.06
CA ILE A 80 11.79 6.61 5.60
C ILE A 80 12.92 5.69 5.10
N ALA A 81 14.13 5.87 5.60
CA ALA A 81 15.25 4.97 5.27
C ALA A 81 15.00 3.49 5.63
N SER A 82 14.58 3.25 6.87
CA SER A 82 14.44 1.88 7.36
C SER A 82 13.31 1.15 6.63
N GLU A 83 12.20 1.85 6.38
CA GLU A 83 11.03 1.16 5.84
C GLU A 83 11.08 1.09 4.33
N SER A 84 11.77 2.03 3.67
CA SER A 84 11.88 1.93 2.22
C SER A 84 12.88 0.82 1.84
N ARG A 85 13.82 0.52 2.73
CA ARG A 85 14.69 -0.67 2.58
C ARG A 85 13.82 -1.93 2.72
N ALA A 86 12.96 -1.96 3.74
CA ALA A 86 12.04 -3.10 3.87
C ALA A 86 11.15 -3.23 2.62
N ALA A 87 10.75 -2.08 2.08
CA ALA A 87 9.88 -2.09 0.89
C ALA A 87 10.59 -2.72 -0.31
N VAL A 88 11.80 -2.28 -0.61
CA VAL A 88 12.49 -2.88 -1.78
C VAL A 88 12.72 -4.39 -1.60
N ALA A 89 12.95 -4.81 -0.36
CA ALA A 89 13.14 -6.24 -0.09
C ALA A 89 11.86 -7.03 -0.39
N GLY A 90 10.72 -6.34 -0.31
CA GLY A 90 9.41 -6.91 -0.64
C GLY A 90 8.95 -6.67 -2.10
N GLY A 91 9.82 -6.14 -2.93
CA GLY A 91 9.44 -5.85 -4.34
C GLY A 91 8.60 -4.59 -4.55
N VAL A 92 8.54 -3.74 -3.53
CA VAL A 92 7.80 -2.45 -3.62
C VAL A 92 8.81 -1.37 -3.98
N THR A 93 8.63 -0.72 -5.13
CA THR A 93 9.63 0.19 -5.67
C THR A 93 9.17 1.65 -5.64
N SER A 94 7.91 1.87 -5.27
CA SER A 94 7.36 3.23 -5.09
C SER A 94 6.37 3.18 -3.91
N PHE A 95 6.37 4.24 -3.08
CA PHE A 95 5.42 4.31 -1.97
C PHE A 95 4.84 5.72 -1.84
N ASP A 97 3.48 7.98 1.24
CA ASP A 97 3.48 8.07 2.71
C ASP A 97 2.42 9.07 3.17
N PRO A 99 0.08 11.65 5.82
CA PRO A 99 0.46 12.90 6.50
C PRO A 99 0.41 12.89 8.04
N ASN A 100 0.09 11.74 8.68
CA ASN A 100 -0.06 11.68 10.14
C ASN A 100 1.28 11.48 10.85
N THR A 101 2.23 12.36 10.50
CA THR A 101 3.55 12.36 11.12
C THR A 101 3.53 13.50 12.14
N ASN A 102 4.68 13.79 12.75
CA ASN A 102 4.80 14.81 13.82
C ASN A 102 5.99 15.70 13.50
N PRO A 103 5.76 16.87 12.89
CA PRO A 103 4.47 17.47 12.53
C PRO A 103 3.75 16.79 11.37
N PRO A 104 2.43 16.98 11.28
CA PRO A 104 1.70 16.40 10.16
C PRO A 104 1.92 17.21 8.89
N THR A 105 1.72 16.56 7.74
CA THR A 105 2.06 17.14 6.46
C THR A 105 0.87 17.96 5.93
N THR A 106 0.59 19.09 6.57
CA THR A 106 -0.65 19.84 6.41
C THR A 106 -0.36 21.27 5.92
N TRP A 108 2.53 23.36 2.96
CA TRP A 108 3.44 23.13 1.88
C TRP A 108 4.89 22.92 2.34
N GLU A 109 5.30 23.67 3.37
CA GLU A 109 6.67 23.59 3.87
C GLU A 109 6.97 22.14 4.29
N ARG A 110 5.98 21.48 4.90
CA ARG A 110 6.15 20.14 5.43
C ARG A 110 6.28 19.12 4.31
N LEU A 111 5.53 19.34 3.24
CA LEU A 111 5.60 18.45 2.10
C LEU A 111 6.99 18.54 1.45
N LEU A 112 7.46 19.77 1.24
CA LEU A 112 8.79 19.99 0.63
C LEU A 112 9.87 19.32 1.48
N GLU A 113 9.72 19.42 2.79
CA GLU A 113 10.61 18.80 3.76
C GLU A 113 10.67 17.29 3.62
N LYS A 114 9.51 16.65 3.54
CA LYS A 114 9.44 15.18 3.31
C LYS A 114 10.06 14.80 1.98
N ARG A 115 9.81 15.60 0.94
CA ARG A 115 10.46 15.34 -0.36
C ARG A 115 11.99 15.39 -0.27
N GLN A 116 12.53 16.29 0.55
CA GLN A 116 13.98 16.34 0.78
C GLN A 116 14.49 15.11 1.53
N ILE A 117 13.76 14.69 2.57
CA ILE A 117 14.06 13.43 3.27
C ILE A 117 14.08 12.24 2.32
N GLY A 118 13.10 12.19 1.42
CA GLY A 118 13.04 11.14 0.41
C GLY A 118 14.27 11.16 -0.47
N ALA A 119 14.61 12.35 -0.99
CA ALA A 119 15.76 12.49 -1.87
C ALA A 119 17.05 12.01 -1.20
N ASP A 120 17.21 12.40 0.07
CA ASP A 120 18.41 12.15 0.87
C ASP A 120 18.53 10.73 1.44
N THR A 121 17.39 10.05 1.65
CA THR A 121 17.39 8.79 2.42
C THR A 121 16.55 7.59 1.91
N ALA A 122 15.59 7.82 1.01
CA ALA A 122 14.71 6.72 0.57
C ALA A 122 15.45 5.76 -0.36
N TRP A 123 15.07 4.49 -0.27
CA TRP A 123 15.56 3.43 -1.12
C TRP A 123 14.55 3.06 -2.20
N ALA A 124 13.39 3.72 -2.17
CA ALA A 124 12.38 3.53 -3.21
C ALA A 124 11.86 4.89 -3.67
N ASN A 125 11.21 4.94 -4.83
CA ASN A 125 10.62 6.22 -5.28
C ASN A 125 9.51 6.65 -4.34
N TYR A 126 9.36 7.95 -4.19
CA TYR A 126 8.56 8.45 -3.06
C TYR A 126 7.52 9.49 -3.44
N GLY A 127 6.41 9.43 -2.72
CA GLY A 127 5.39 10.49 -2.77
C GLY A 127 4.76 10.65 -1.41
N PHE A 128 4.09 11.78 -1.22
CA PHE A 128 3.52 12.13 0.08
C PHE A 128 2.13 12.76 -0.11
N PHE A 129 1.12 12.15 0.49
CA PHE A 129 -0.21 12.75 0.51
C PHE A 129 -0.19 14.03 1.34
N PHE A 130 -0.93 15.02 0.89
CA PHE A 130 -1.09 16.24 1.66
C PHE A 130 -2.20 15.94 2.68
N GLY A 131 -2.12 16.50 3.87
CA GLY A 131 -3.18 16.27 4.87
C GLY A 131 -4.16 17.43 4.96
N GLY A 132 -5.45 17.11 5.08
CA GLY A 132 -6.48 18.12 5.30
C GLY A 132 -6.83 18.13 6.78
N THR A 133 -7.08 19.33 7.32
CA THR A 133 -7.55 19.50 8.70
C THR A 133 -8.81 20.35 8.70
N ASN A 134 -9.38 20.58 9.88
CA ASN A 134 -10.51 21.47 10.00
C ASN A 134 -10.14 22.91 9.61
N ASP A 135 -8.83 23.23 9.61
CA ASP A 135 -8.38 24.62 9.53
C ASP A 135 -7.46 25.01 8.38
N ASN A 136 -7.12 24.11 7.45
CA ASN A 136 -6.05 24.44 6.48
C ASN A 136 -6.47 24.55 5.02
N ILE A 137 -7.71 24.95 4.79
CA ILE A 137 -8.24 24.96 3.44
C ILE A 137 -7.36 25.78 2.49
N ASP A 138 -6.84 26.91 2.99
CA ASP A 138 -5.99 27.81 2.21
C ASP A 138 -4.69 27.10 1.77
N GLU A 139 -4.14 26.26 2.64
CA GLU A 139 -2.99 25.41 2.26
C GLU A 139 -3.33 24.43 1.14
N ILE A 140 -4.45 23.74 1.30
CA ILE A 140 -4.91 22.79 0.29
C ILE A 140 -5.03 23.43 -1.11
N LYS A 141 -5.61 24.63 -1.20
CA LYS A 141 -5.76 25.31 -2.51
C LYS A 141 -4.43 25.62 -3.23
N ARG A 142 -3.39 25.87 -2.42
N ARG A 142 -3.41 26.01 -2.48
CA ARG A 142 -2.01 26.16 -2.86
CA ARG A 142 -2.16 26.44 -3.11
C ARG A 142 -1.11 24.93 -3.07
C ARG A 142 -1.37 25.25 -3.64
N VAL A 143 -1.67 23.73 -2.97
N VAL A 143 -1.49 24.09 -2.98
CA VAL A 143 -0.92 22.50 -3.23
CA VAL A 143 -0.72 22.88 -3.28
C VAL A 143 -0.68 22.38 -4.74
C VAL A 143 -0.60 22.57 -4.75
N ASP A 144 0.58 22.31 -5.20
CA ASP A 144 0.84 21.96 -6.61
C ASP A 144 0.45 20.47 -6.83
N LYS A 145 -0.58 20.23 -7.64
CA LYS A 145 -1.11 18.86 -7.82
C LYS A 145 -0.17 17.90 -8.56
N HIS A 146 0.85 18.43 -9.22
CA HIS A 146 1.89 17.57 -9.75
C HIS A 146 2.76 16.95 -8.65
N LEU A 147 2.75 17.57 -7.46
CA LEU A 147 3.74 17.23 -6.42
C LEU A 147 3.19 16.36 -5.29
N VAL A 148 1.90 16.02 -5.35
CA VAL A 148 1.27 15.10 -4.40
C VAL A 148 0.33 14.15 -5.14
N PRO A 149 0.12 12.93 -4.60
CA PRO A 149 -0.89 12.02 -5.19
C PRO A 149 -2.33 12.52 -4.97
N GLY A 150 -2.51 13.34 -3.92
CA GLY A 150 -3.84 13.80 -3.54
C GLY A 150 -3.84 14.31 -2.12
N LEU A 151 -5.04 14.46 -1.55
CA LEU A 151 -5.25 14.95 -0.19
C LEU A 151 -5.76 13.77 0.62
N LEU A 153 -7.77 12.72 4.04
CA LEU A 153 -8.61 13.12 5.18
C LEU A 153 -8.86 11.93 6.07
N PHE A 154 -8.69 12.12 7.38
CA PHE A 154 -9.10 11.08 8.35
C PHE A 154 -10.49 11.44 8.85
N LEU A 155 -11.50 10.69 8.39
CA LEU A 155 -12.89 10.93 8.82
C LEU A 155 -13.20 10.14 10.10
N GLY A 156 -12.23 9.35 10.52
CA GLY A 156 -12.25 8.59 11.78
C GLY A 156 -10.84 8.16 12.15
N SER A 157 -10.72 7.47 13.29
CA SER A 157 -9.48 6.87 13.80
C SER A 157 -8.55 7.90 14.44
N SER A 158 -8.23 8.96 13.70
CA SER A 158 -7.52 10.15 14.22
C SER A 158 -8.27 10.92 15.32
N THR A 159 -7.54 11.73 16.07
CA THR A 159 -8.13 12.54 17.14
C THR A 159 -7.76 14.00 16.97
N GLY A 160 -8.60 14.87 17.51
CA GLY A 160 -8.40 16.31 17.45
C GLY A 160 -8.07 16.88 16.09
N ASN A 161 -6.86 17.46 16.00
CA ASN A 161 -6.44 18.21 14.82
C ASN A 161 -6.62 17.42 13.51
N LEU A 163 -8.44 14.73 12.88
CA LEU A 163 -9.79 14.24 12.63
C LEU A 163 -10.62 15.31 11.95
N VAL A 164 -11.01 15.09 10.70
CA VAL A 164 -11.84 16.07 10.03
C VAL A 164 -13.29 15.71 10.26
N ASP A 165 -13.91 16.42 11.19
N ASP A 165 -13.88 16.42 11.23
CA ASP A 165 -15.29 16.17 11.59
CA ASP A 165 -15.25 16.20 11.70
C ASP A 165 -16.19 17.37 11.26
C ASP A 165 -16.05 17.52 11.71
N ASN A 166 -15.56 18.52 10.99
CA ASN A 166 -16.31 19.78 10.81
C ASN A 166 -17.05 19.73 9.48
N LYS A 167 -18.39 19.70 9.55
CA LYS A 167 -19.22 19.36 8.39
C LYS A 167 -19.15 20.43 7.31
N GLU A 168 -19.10 21.69 7.76
N GLU A 168 -19.10 21.69 7.76
CA GLU A 168 -18.85 22.82 6.87
CA GLU A 168 -18.85 22.83 6.89
C GLU A 168 -17.49 22.68 6.21
C GLU A 168 -17.49 22.68 6.21
N THR A 169 -16.49 22.19 6.95
CA THR A 169 -15.15 22.00 6.40
C THR A 169 -15.19 20.91 5.33
N LEU A 170 -15.83 19.78 5.60
CA LEU A 170 -15.90 18.68 4.60
C LEU A 170 -16.61 19.13 3.33
N GLU A 171 -17.77 19.76 3.48
CA GLU A 171 -18.47 20.34 2.34
C GLU A 171 -17.57 21.28 1.56
N LYS A 172 -16.79 22.10 2.27
CA LYS A 172 -15.92 23.08 1.63
C LYS A 172 -14.81 22.40 0.86
N ILE A 173 -14.15 21.42 1.48
CA ILE A 173 -13.10 20.69 0.81
C ILE A 173 -13.64 19.98 -0.43
N PHE A 174 -14.73 19.25 -0.28
CA PHE A 174 -15.22 18.46 -1.43
C PHE A 174 -15.70 19.37 -2.55
N GLY A 175 -16.26 20.51 -2.17
CA GLY A 175 -16.85 21.43 -3.14
C GLY A 175 -15.87 22.43 -3.76
N GLU A 176 -14.74 22.66 -3.10
CA GLU A 176 -13.81 23.72 -3.52
C GLU A 176 -12.40 23.27 -3.96
N CYS A 177 -11.98 22.10 -3.50
CA CYS A 177 -10.60 21.66 -3.68
C CYS A 177 -10.51 20.68 -4.83
N ASP A 178 -9.71 21.03 -5.83
CA ASP A 178 -9.62 20.22 -7.04
C ASP A 178 -8.45 19.25 -6.97
N LEU A 179 -8.58 18.25 -6.13
CA LEU A 179 -7.65 17.14 -6.19
C LEU A 179 -8.32 15.88 -5.75
N LEU A 180 -7.59 14.79 -5.92
CA LEU A 180 -8.09 13.49 -5.52
C LEU A 180 -8.11 13.50 -4.00
N ILE A 181 -9.24 13.09 -3.40
CA ILE A 181 -9.37 13.06 -1.94
C ILE A 181 -9.42 11.61 -1.47
N ALA A 182 -8.44 11.20 -0.68
CA ALA A 182 -8.38 9.85 -0.18
C ALA A 182 -8.90 9.90 1.22
N THR A 183 -9.80 8.98 1.60
CA THR A 183 -10.39 9.03 2.95
C THR A 183 -10.24 7.76 3.77
N HIS A 184 -10.03 7.95 5.06
CA HIS A 184 -10.16 6.88 6.04
C HIS A 184 -11.57 6.96 6.64
N CYS A 185 -12.41 5.97 6.38
CA CYS A 185 -13.83 6.05 6.72
C CYS A 185 -14.24 5.15 7.90
N GLU A 186 -14.33 5.72 9.11
CA GLU A 186 -14.96 5.07 10.27
C GLU A 186 -15.72 6.14 11.04
N LYS A 187 -16.98 5.86 11.37
CA LYS A 187 -17.85 6.83 12.01
C LYS A 187 -17.66 6.79 13.52
N GLU A 188 -17.00 7.81 14.07
CA GLU A 188 -16.61 7.78 15.48
C GLU A 188 -17.82 7.76 16.43
N GLU A 189 -18.94 8.34 16.01
CA GLU A 189 -20.15 8.36 16.86
C GLU A 189 -20.63 6.95 17.11
N ILE A 190 -20.51 6.09 16.09
CA ILE A 190 -20.96 4.70 16.19
C ILE A 190 -19.99 3.90 17.05
N ILE A 191 -18.69 4.12 16.83
CA ILE A 191 -17.66 3.44 17.60
C ILE A 191 -17.85 3.73 19.10
N ARG A 192 -18.11 5.00 19.42
CA ARG A 192 -18.35 5.40 20.82
C ARG A 192 -19.59 4.74 21.42
N ALA A 193 -20.68 4.67 20.66
CA ALA A 193 -21.87 3.94 21.11
C ALA A 193 -21.53 2.48 21.45
N ASN A 194 -20.79 1.83 20.56
CA ASN A 194 -20.39 0.42 20.76
C ASN A 194 -19.45 0.26 21.96
N LYS A 195 -18.46 1.13 22.07
CA LYS A 195 -17.54 1.15 23.24
C LYS A 195 -18.29 1.23 24.55
N GLU A 196 -19.29 2.10 24.60
CA GLU A 196 -20.15 2.23 25.78
C GLU A 196 -20.89 0.94 26.09
N HIS A 197 -21.53 0.33 25.08
CA HIS A 197 -22.21 -0.97 25.29
C HIS A 197 -21.26 -2.01 25.87
N TYR A 198 -20.12 -2.19 25.21
CA TYR A 198 -19.23 -3.30 25.55
C TYR A 198 -18.52 -3.09 26.87
N LYS A 199 -18.08 -1.85 27.14
CA LYS A 199 -17.51 -1.53 28.46
C LYS A 199 -18.52 -1.76 29.59
N ALA A 200 -19.75 -1.27 29.40
CA ALA A 200 -20.78 -1.40 30.43
C ALA A 200 -21.11 -2.86 30.72
N LYS A 201 -21.20 -3.68 29.66
CA LYS A 201 -21.66 -5.06 29.76
C LYS A 201 -20.53 -6.04 30.13
N TYR A 202 -19.31 -5.78 29.66
CA TYR A 202 -18.18 -6.71 29.86
C TYR A 202 -16.97 -6.14 30.62
N GLY A 203 -16.99 -4.84 30.94
CA GLY A 203 -15.89 -4.24 31.74
C GLY A 203 -14.78 -3.57 30.95
N ASN A 204 -13.73 -3.14 31.66
CA ASN A 204 -12.66 -2.32 31.07
C ASN A 204 -11.55 -3.08 30.34
N ASP A 205 -11.39 -4.36 30.65
CA ASP A 205 -10.25 -5.12 30.11
C ASP A 205 -10.62 -5.89 28.85
N LEU A 206 -11.21 -5.20 27.88
CA LEU A 206 -11.70 -5.85 26.67
C LEU A 206 -10.53 -6.27 25.77
N ASP A 207 -10.46 -7.55 25.46
CA ASP A 207 -9.37 -8.02 24.61
C ASP A 207 -9.65 -7.83 23.12
N ILE A 208 -8.74 -8.35 22.30
CA ILE A 208 -8.76 -8.12 20.86
C ILE A 208 -10.09 -8.50 20.19
N HIS A 209 -10.78 -9.48 20.73
CA HIS A 209 -12.00 -9.97 20.09
C HIS A 209 -13.14 -8.93 20.07
N PHE A 210 -13.02 -7.91 20.93
CA PHE A 210 -14.00 -6.82 20.92
C PHE A 210 -13.72 -5.78 19.83
N HIS A 211 -12.49 -5.79 19.31
CA HIS A 211 -12.06 -4.78 18.35
C HIS A 211 -12.98 -4.65 17.11
N PRO A 212 -13.29 -5.76 16.39
CA PRO A 212 -14.22 -5.55 15.27
C PRO A 212 -15.68 -5.29 15.68
N LEU A 213 -16.01 -5.57 16.93
CA LEU A 213 -17.36 -5.31 17.44
C LEU A 213 -17.51 -3.84 17.78
N ILE A 214 -16.42 -3.22 18.22
CA ILE A 214 -16.44 -1.79 18.56
C ILE A 214 -16.28 -0.94 17.29
N ARG A 215 -15.22 -1.23 16.51
CA ARG A 215 -14.95 -0.54 15.25
C ARG A 215 -15.70 -1.36 14.19
N SER A 216 -17.03 -1.25 14.21
CA SER A 216 -17.93 -2.23 13.58
C SER A 216 -18.08 -2.03 12.09
N GLU A 217 -18.68 -3.03 11.45
CA GLU A 217 -19.09 -2.94 10.07
C GLU A 217 -19.94 -1.68 9.81
N GLU A 218 -20.91 -1.41 10.68
CA GLU A 218 -21.78 -0.25 10.47
C GLU A 218 -21.00 1.07 10.64
N ALA A 219 -20.06 1.13 11.58
CA ALA A 219 -19.20 2.31 11.68
C ALA A 219 -18.40 2.58 10.38
N CYS A 220 -17.94 1.52 9.70
CA CYS A 220 -17.21 1.72 8.43
C CYS A 220 -18.20 2.14 7.35
N TYR A 221 -19.30 1.39 7.24
CA TYR A 221 -20.24 1.61 6.15
C TYR A 221 -20.87 3.00 6.23
N ARG A 222 -21.25 3.40 7.44
CA ARG A 222 -21.93 4.70 7.60
C ARG A 222 -21.00 5.86 7.16
N SER A 223 -19.74 5.81 7.58
CA SER A 223 -18.78 6.82 7.15
C SER A 223 -18.56 6.83 5.63
N SER A 224 -18.33 5.66 5.03
CA SER A 224 -18.14 5.54 3.58
C SER A 224 -19.37 5.99 2.80
N ALA A 225 -20.56 5.59 3.25
CA ALA A 225 -21.79 6.02 2.57
C ALA A 225 -21.93 7.55 2.58
N GLU A 226 -21.54 8.18 3.70
CA GLU A 226 -21.65 9.64 3.81
C GLU A 226 -20.63 10.34 2.93
N ALA A 227 -19.44 9.76 2.84
CA ALA A 227 -18.39 10.32 1.99
C ALA A 227 -18.80 10.23 0.52
N VAL A 228 -19.29 9.05 0.12
CA VAL A 228 -19.80 8.82 -1.25
C VAL A 228 -20.93 9.79 -1.63
N GLU A 229 -21.88 10.03 -0.72
N GLU A 229 -21.85 10.01 -0.69
CA GLU A 229 -22.96 10.98 -1.02
CA GLU A 229 -22.97 10.94 -0.87
C GLU A 229 -22.39 12.38 -1.24
C GLU A 229 -22.48 12.36 -1.13
N LEU A 230 -21.51 12.80 -0.35
CA LEU A 230 -20.92 14.12 -0.47
C LEU A 230 -20.13 14.25 -1.79
N ALA A 231 -19.34 13.22 -2.14
CA ALA A 231 -18.62 13.23 -3.42
C ALA A 231 -19.55 13.27 -4.62
N GLU A 232 -20.64 12.50 -4.57
CA GLU A 232 -21.65 12.57 -5.63
C GLU A 232 -22.27 13.98 -5.76
N ARG A 233 -22.59 14.58 -4.61
N ARG A 233 -22.61 14.58 -4.62
CA ARG A 233 -23.18 15.93 -4.57
CA ARG A 233 -23.20 15.94 -4.61
C ARG A 233 -22.29 16.98 -5.24
C ARG A 233 -22.28 16.97 -5.29
N ASN A 235 -19.64 16.19 -7.39
CA ASN A 235 -18.87 15.51 -8.44
C ASN A 235 -17.38 15.53 -8.11
N ALA A 236 -17.05 15.23 -6.85
CA ALA A 236 -15.65 15.16 -6.40
C ALA A 236 -14.98 13.85 -6.76
N ARG A 237 -13.65 13.87 -6.75
CA ARG A 237 -12.85 12.66 -6.97
C ARG A 237 -12.47 12.09 -5.58
N LEU A 238 -13.06 10.95 -5.25
CA LEU A 238 -12.96 10.38 -3.91
C LEU A 238 -12.35 8.99 -4.04
N HIS A 239 -11.40 8.66 -3.16
CA HIS A 239 -10.74 7.36 -3.16
C HIS A 239 -10.83 6.83 -1.74
N ILE A 240 -11.68 5.83 -1.52
CA ILE A 240 -11.85 5.32 -0.15
C ILE A 240 -10.82 4.24 0.17
N LEU A 241 -10.06 4.44 1.25
CA LEU A 241 -8.96 3.56 1.61
C LEU A 241 -9.37 2.36 2.42
N HIS A 242 -8.49 1.35 2.40
CA HIS A 242 -8.60 0.11 3.17
C HIS A 242 -10.00 -0.38 3.48
N LEU A 243 -10.71 -0.79 2.43
CA LEU A 243 -12.00 -1.42 2.64
C LEU A 243 -11.87 -2.70 3.46
N SER A 244 -12.77 -2.89 4.44
CA SER A 244 -12.70 -4.05 5.31
C SER A 244 -13.98 -4.85 5.39
N THR A 245 -15.02 -4.40 4.69
CA THR A 245 -16.34 -5.06 4.80
C THR A 245 -16.96 -5.41 3.46
N GLU A 246 -17.71 -6.50 3.44
CA GLU A 246 -18.58 -6.81 2.31
C GLU A 246 -19.58 -5.67 2.10
N LYS A 247 -20.13 -5.15 3.19
CA LYS A 247 -21.26 -4.21 3.06
C LYS A 247 -20.87 -2.96 2.25
N GLU A 248 -19.64 -2.48 2.48
CA GLU A 248 -19.15 -1.29 1.76
C GLU A 248 -19.05 -1.45 0.25
N LEU A 249 -18.88 -2.69 -0.21
CA LEU A 249 -18.75 -2.95 -1.65
C LEU A 249 -19.92 -2.47 -2.49
N SER A 250 -21.11 -2.45 -1.89
CA SER A 250 -22.30 -1.95 -2.59
C SER A 250 -22.19 -0.45 -2.99
N LEU A 251 -21.26 0.29 -2.38
CA LEU A 251 -21.05 1.72 -2.70
C LEU A 251 -20.21 1.95 -3.96
N PHE A 252 -19.55 0.89 -4.46
CA PHE A 252 -18.65 0.99 -5.60
C PHE A 252 -19.19 0.29 -6.84
N ARG A 253 -18.61 0.59 -7.98
CA ARG A 253 -19.12 0.00 -9.22
C ARG A 253 -18.04 -0.75 -9.92
N ASN A 254 -18.45 -1.69 -10.77
CA ASN A 254 -17.53 -2.44 -11.59
C ASN A 254 -18.05 -2.57 -13.02
N ASP A 255 -18.92 -1.63 -13.39
CA ASP A 255 -19.51 -1.57 -14.72
C ASP A 255 -18.68 -0.72 -15.69
N ILE A 256 -17.74 0.07 -15.13
CA ILE A 256 -16.85 0.94 -15.90
C ILE A 256 -15.40 0.74 -15.47
N PRO A 257 -14.42 1.10 -16.34
CA PRO A 257 -13.03 0.94 -15.87
C PRO A 257 -12.60 1.96 -14.80
N THR A 258 -11.56 1.61 -14.04
CA THR A 258 -11.03 2.51 -12.98
C THR A 258 -10.78 3.92 -13.46
N ALA A 259 -10.19 4.05 -14.67
CA ALA A 259 -9.91 5.37 -15.25
C ALA A 259 -11.13 6.30 -15.38
N GLN A 260 -12.32 5.72 -15.49
CA GLN A 260 -13.56 6.50 -15.67
C GLN A 260 -14.25 6.84 -14.33
N LYS A 261 -13.90 6.12 -13.27
CA LYS A 261 -14.56 6.28 -11.99
C LYS A 261 -14.20 7.60 -11.31
N ARG A 262 -15.21 8.30 -10.78
CA ARG A 262 -14.96 9.42 -9.88
C ARG A 262 -14.72 8.90 -8.45
N ILE A 263 -15.30 7.74 -8.13
CA ILE A 263 -15.17 7.17 -6.80
C ILE A 263 -14.47 5.84 -6.94
N THR A 264 -13.34 5.71 -6.26
CA THR A 264 -12.53 4.49 -6.35
C THR A 264 -12.24 3.94 -4.95
N SER A 265 -11.65 2.74 -4.90
CA SER A 265 -11.41 2.10 -3.61
C SER A 265 -10.08 1.35 -3.61
N GLU A 266 -9.57 1.12 -2.40
CA GLU A 266 -8.32 0.42 -2.22
C GLU A 266 -8.61 -0.62 -1.13
N VAL A 267 -7.97 -1.78 -1.24
CA VAL A 267 -7.94 -2.76 -0.15
C VAL A 267 -6.48 -3.06 0.20
N CYS A 268 -6.25 -3.43 1.45
CA CYS A 268 -4.90 -3.72 1.91
C CYS A 268 -4.70 -5.20 2.11
N VAL A 269 -3.46 -5.66 2.02
N VAL A 269 -3.43 -5.61 2.03
CA VAL A 269 -3.20 -7.12 2.00
CA VAL A 269 -3.05 -7.03 2.04
C VAL A 269 -3.66 -7.82 3.28
C VAL A 269 -3.57 -7.80 3.26
N HIS A 270 -3.54 -7.14 4.43
CA HIS A 270 -3.96 -7.79 5.67
C HIS A 270 -5.46 -8.10 5.69
N HIS A 271 -6.28 -7.23 5.08
CA HIS A 271 -7.72 -7.51 4.94
C HIS A 271 -8.02 -8.63 3.92
N LEU A 272 -7.08 -8.87 3.00
CA LEU A 272 -7.23 -9.99 2.05
C LEU A 272 -6.68 -11.30 2.62
N TRP A 273 -5.89 -11.19 3.68
CA TRP A 273 -5.16 -12.38 4.18
C TRP A 273 -5.75 -12.90 5.48
N PHE A 274 -5.95 -12.01 6.45
CA PHE A 274 -6.42 -12.38 7.78
C PHE A 274 -7.96 -12.28 7.91
N SER A 275 -8.51 -13.03 8.87
CA SER A 275 -9.88 -12.82 9.31
C SER A 275 -9.91 -12.84 10.85
N ASP A 276 -11.07 -12.56 11.42
CA ASP A 276 -11.19 -12.58 12.87
C ASP A 276 -10.90 -13.95 13.50
N THR A 277 -10.96 -15.03 12.70
CA THR A 277 -10.56 -16.34 13.20
C THR A 277 -9.07 -16.35 13.62
N ASP A 278 -8.30 -15.39 13.14
CA ASP A 278 -6.87 -15.30 13.47
C ASP A 278 -6.56 -14.54 14.77
N TYR A 279 -7.57 -13.89 15.36
CA TYR A 279 -7.34 -13.13 16.59
C TYR A 279 -6.85 -14.01 17.75
N GLY A 280 -7.43 -15.22 17.85
CA GLY A 280 -7.00 -16.16 18.90
C GLY A 280 -5.49 -16.39 18.93
N ARG A 281 -4.90 -16.56 17.75
CA ARG A 281 -3.50 -16.93 17.60
C ARG A 281 -2.57 -15.72 17.65
N LEU A 282 -2.95 -14.64 16.96
CA LEU A 282 -2.05 -13.48 16.73
C LEU A 282 -2.30 -12.30 17.65
N GLY A 283 -3.51 -12.23 18.23
CA GLY A 283 -3.85 -11.17 19.17
C GLY A 283 -3.63 -9.77 18.59
N ASN A 284 -2.99 -8.91 19.37
CA ASN A 284 -2.78 -7.51 18.94
C ASN A 284 -1.88 -7.33 17.72
N ARG A 285 -1.16 -8.39 17.33
N ARG A 285 -1.14 -8.39 17.35
N ARG A 285 -1.17 -8.39 17.34
CA ARG A 285 -0.28 -8.35 16.18
CA ARG A 285 -0.28 -8.34 16.16
CA ARG A 285 -0.29 -8.38 16.17
C ARG A 285 -1.06 -8.21 14.86
C ARG A 285 -1.08 -8.12 14.87
C ARG A 285 -1.08 -8.15 14.88
N ILE A 286 -2.38 -8.39 14.93
CA ILE A 286 -3.28 -8.11 13.79
C ILE A 286 -4.36 -7.10 14.16
N LYS A 287 -4.05 -6.25 15.13
CA LYS A 287 -4.94 -5.13 15.47
C LYS A 287 -4.67 -3.99 14.48
N TRP A 288 -5.69 -3.66 13.70
CA TRP A 288 -5.61 -2.58 12.69
C TRP A 288 -6.89 -1.77 12.73
N ASN A 289 -6.81 -0.53 12.23
CA ASN A 289 -8.03 0.23 11.90
C ASN A 289 -8.04 0.45 10.37
N PRO A 290 -9.16 0.13 9.69
CA PRO A 290 -10.36 -0.54 10.18
C PRO A 290 -10.01 -1.96 10.63
N ALA A 291 -10.80 -2.52 11.54
CA ALA A 291 -10.51 -3.84 12.10
C ALA A 291 -10.60 -4.94 11.05
N ILE A 292 -9.78 -5.98 11.23
CA ILE A 292 -9.98 -7.25 10.53
C ILE A 292 -11.33 -7.83 11.00
N LYS A 293 -12.18 -8.20 10.05
CA LYS A 293 -13.53 -8.59 10.39
C LYS A 293 -13.76 -10.04 9.95
N LYS A 294 -14.96 -10.36 9.44
CA LYS A 294 -15.37 -11.78 9.27
C LYS A 294 -14.71 -12.49 8.09
N GLU A 295 -14.65 -13.82 8.15
CA GLU A 295 -14.22 -14.62 7.01
C GLU A 295 -15.03 -14.26 5.74
N SER A 296 -16.33 -14.01 5.90
CA SER A 296 -17.17 -13.64 4.77
C SER A 296 -16.79 -12.27 4.17
N ASP A 297 -16.26 -11.38 5.00
CA ASP A 297 -15.79 -10.09 4.53
C ASP A 297 -14.51 -10.27 3.72
N ARG A 298 -13.56 -11.02 4.27
CA ARG A 298 -12.36 -11.38 3.51
C ARG A 298 -12.74 -12.02 2.16
N GLU A 299 -13.72 -12.91 2.14
CA GLU A 299 -14.14 -13.59 0.92
C GLU A 299 -14.69 -12.59 -0.07
N ALA A 300 -15.48 -11.63 0.43
CA ALA A 300 -16.12 -10.64 -0.46
C ALA A 300 -15.09 -9.67 -1.06
N LEU A 301 -14.12 -9.28 -0.24
CA LEU A 301 -13.03 -8.41 -0.70
C LEU A 301 -12.19 -9.09 -1.78
N ARG A 302 -11.85 -10.37 -1.56
CA ARG A 302 -11.14 -11.17 -2.59
C ARG A 302 -11.96 -11.16 -3.90
N ALA A 303 -13.26 -11.44 -3.80
CA ALA A 303 -14.12 -11.46 -5.00
C ALA A 303 -14.13 -10.09 -5.72
N ALA A 304 -14.15 -9.03 -4.91
CA ALA A 304 -14.20 -7.67 -5.43
C ALA A 304 -12.88 -7.23 -6.09
N VAL A 305 -11.76 -7.81 -5.67
CA VAL A 305 -10.51 -7.65 -6.42
C VAL A 305 -10.66 -8.29 -7.79
N ARG A 306 -11.23 -9.51 -7.81
CA ARG A 306 -11.38 -10.21 -9.06
C ARG A 306 -12.39 -9.52 -9.96
N ASN A 307 -13.48 -9.01 -9.39
CA ASN A 307 -14.53 -8.42 -10.25
C ASN A 307 -14.31 -6.95 -10.60
N GLY A 308 -13.40 -6.26 -9.90
CA GLY A 308 -13.20 -4.83 -10.18
C GLY A 308 -13.81 -3.77 -9.30
N ARG A 309 -14.67 -4.16 -8.36
CA ARG A 309 -15.23 -3.24 -7.39
C ARG A 309 -14.14 -2.60 -6.51
N ILE A 310 -13.06 -3.36 -6.30
CA ILE A 310 -11.86 -2.83 -5.64
C ILE A 310 -10.84 -2.50 -6.73
N ASP A 311 -10.37 -1.26 -6.74
CA ASP A 311 -9.48 -0.78 -7.81
C ASP A 311 -8.02 -1.20 -7.62
N ILE A 312 -7.50 -1.08 -6.39
CA ILE A 312 -6.09 -1.35 -6.17
C ILE A 312 -5.83 -2.04 -4.85
N ILE A 313 -4.63 -2.59 -4.74
CA ILE A 313 -4.20 -3.25 -3.51
C ILE A 313 -3.00 -2.51 -2.97
N ALA A 314 -2.96 -2.32 -1.64
CA ALA A 314 -1.86 -1.63 -0.98
C ALA A 314 -1.57 -2.34 0.33
N THR A 315 -0.74 -1.74 1.19
CA THR A 315 -0.44 -2.36 2.48
C THR A 315 -0.98 -1.65 3.71
N ASP A 316 -0.94 -0.32 3.72
CA ASP A 316 -1.11 0.40 4.99
C ASP A 316 -0.03 0.02 6.03
N HIS A 317 1.19 -0.25 5.53
CA HIS A 317 2.37 -0.48 6.38
C HIS A 317 2.45 0.59 7.45
N ALA A 318 2.38 0.18 8.72
CA ALA A 318 2.28 1.18 9.81
C ALA A 318 2.95 0.65 11.08
N PRO A 319 4.28 0.68 11.13
CA PRO A 319 5.01 0.11 12.27
C PRO A 319 4.74 0.81 13.59
N HIS A 320 4.76 0.00 14.65
CA HIS A 320 4.81 0.44 16.03
C HIS A 320 5.78 -0.52 16.69
N LEU A 321 6.46 -0.08 17.75
CA LEU A 321 7.24 -1.03 18.56
C LEU A 321 6.29 -1.97 19.30
N LEU A 322 6.80 -3.13 19.69
CA LEU A 322 5.97 -4.11 20.40
C LEU A 322 5.41 -3.61 21.73
N ARG A 323 6.15 -2.72 22.41
N ARG A 323 6.15 -2.75 22.44
CA ARG A 323 5.70 -2.11 23.68
CA ARG A 323 5.64 -2.18 23.69
C ARG A 323 4.46 -1.23 23.50
C ARG A 323 4.33 -1.41 23.45
N GLU A 324 4.23 -0.80 22.26
CA GLU A 324 3.06 0.00 21.90
C GLU A 324 1.89 -0.91 21.50
N LYS A 325 2.19 -2.17 21.17
CA LYS A 325 1.16 -3.14 20.74
C LYS A 325 0.56 -3.91 21.91
N GLU A 326 1.10 -3.71 23.11
CA GLU A 326 0.61 -4.36 24.34
C GLU A 326 -0.74 -3.84 24.87
N GLY A 327 -1.52 -4.75 25.47
CA GLY A 327 -2.72 -4.41 26.27
C GLY A 327 -4.07 -4.74 25.64
N SER A 328 -5.13 -4.12 26.15
CA SER A 328 -6.51 -4.33 25.67
C SER A 328 -6.77 -3.70 24.30
N CYS A 329 -7.88 -4.04 23.66
CA CYS A 329 -8.22 -3.40 22.38
C CYS A 329 -8.44 -1.89 22.57
N LEU A 330 -8.40 -1.44 23.83
CA LEU A 330 -8.55 -0.01 24.15
C LEU A 330 -7.19 0.69 24.37
N GLN A 331 -6.16 -0.06 24.75
CA GLN A 331 -4.83 0.48 24.99
C GLN A 331 -3.85 0.22 23.85
N ALA A 332 -3.96 -0.92 23.18
CA ALA A 332 -2.93 -1.30 22.20
C ALA A 332 -3.03 -0.49 20.91
N ALA A 333 -1.88 -0.20 20.29
CA ALA A 333 -1.88 0.56 19.04
C ALA A 333 -2.41 -0.31 17.89
N SER A 334 -3.13 0.33 16.96
CA SER A 334 -3.53 -0.33 15.72
C SER A 334 -2.45 -0.08 14.69
N GLY A 335 -2.16 -1.11 13.89
CA GLY A 335 -1.17 -0.95 12.84
C GLY A 335 0.02 -1.85 13.01
N GLY A 336 0.61 -2.24 11.89
CA GLY A 336 1.79 -3.10 11.94
C GLY A 336 2.50 -3.02 10.60
N PRO A 337 3.72 -3.55 10.54
CA PRO A 337 4.49 -3.58 9.29
C PRO A 337 3.89 -4.66 8.35
N LEU A 338 4.09 -4.48 7.05
CA LEU A 338 3.67 -5.47 6.05
C LEU A 338 4.46 -5.50 4.76
N VAL A 339 5.14 -4.41 4.45
CA VAL A 339 5.65 -4.18 3.07
C VAL A 339 6.71 -5.21 2.62
N GLN A 340 7.50 -5.71 3.55
CA GLN A 340 8.51 -6.70 3.16
C GLN A 340 7.91 -8.02 2.68
N HIS A 341 6.68 -8.32 3.07
CA HIS A 341 6.10 -9.63 2.80
C HIS A 341 4.74 -9.63 2.10
N SER A 342 4.16 -8.46 1.86
N SER A 342 4.19 -8.44 1.87
CA SER A 342 2.83 -8.38 1.25
CA SER A 342 2.89 -8.30 1.24
C SER A 342 2.76 -8.98 -0.16
C SER A 342 2.79 -8.98 -0.12
N LEU A 343 3.77 -8.73 -1.00
CA LEU A 343 3.78 -9.37 -2.34
C LEU A 343 3.85 -10.91 -2.19
N LEU A 344 4.70 -11.39 -1.29
CA LEU A 344 4.81 -12.86 -1.09
C LEU A 344 3.47 -13.43 -0.68
N ALA A 345 2.75 -12.70 0.18
CA ALA A 345 1.43 -13.12 0.66
C ALA A 345 0.43 -13.16 -0.49
N LEU A 346 0.42 -12.13 -1.32
CA LEU A 346 -0.46 -12.16 -2.50
C LEU A 346 -0.13 -13.34 -3.43
N LEU A 347 1.16 -13.58 -3.64
CA LEU A 347 1.59 -14.68 -4.51
C LEU A 347 1.18 -16.02 -3.91
N GLU A 348 1.18 -16.09 -2.58
CA GLU A 348 0.75 -17.33 -1.93
C GLU A 348 -0.75 -17.57 -2.22
N LEU A 349 -1.56 -16.51 -2.16
CA LEU A 349 -2.98 -16.62 -2.59
C LEU A 349 -3.16 -16.98 -4.05
N CYS A 350 -2.24 -16.55 -4.91
CA CYS A 350 -2.30 -17.01 -6.32
C CYS A 350 -2.06 -18.52 -6.44
N ASN A 351 -1.15 -19.06 -5.63
CA ASN A 351 -0.91 -20.55 -5.60
C ASN A 351 -2.19 -21.29 -5.22
N GLN A 352 -3.08 -20.59 -4.54
CA GLN A 352 -4.33 -21.20 -4.07
C GLN A 352 -5.53 -20.94 -4.99
N GLY A 353 -5.29 -20.21 -6.07
CA GLY A 353 -6.35 -19.91 -7.03
C GLY A 353 -7.21 -18.73 -6.66
N ILE A 354 -6.89 -18.07 -5.55
CA ILE A 354 -7.68 -16.94 -5.06
C ILE A 354 -7.59 -15.76 -6.04
N PHE A 355 -6.39 -15.53 -6.56
CA PHE A 355 -6.15 -14.48 -7.57
C PHE A 355 -5.29 -15.05 -8.67
N SER A 356 -5.27 -14.39 -9.83
CA SER A 356 -4.30 -14.72 -10.87
C SER A 356 -3.10 -13.82 -10.66
N ILE A 357 -1.96 -14.28 -11.15
CA ILE A 357 -0.75 -13.44 -11.13
C ILE A 357 -1.03 -12.18 -11.91
N GLU A 358 -1.77 -12.30 -13.01
CA GLU A 358 -2.11 -11.12 -13.81
C GLU A 358 -2.85 -10.04 -13.01
N GLU A 359 -3.86 -10.45 -12.23
CA GLU A 359 -4.64 -9.55 -11.35
C GLU A 359 -3.74 -8.88 -10.31
N ILE A 360 -2.84 -9.65 -9.71
CA ILE A 360 -1.98 -9.09 -8.66
C ILE A 360 -1.08 -8.01 -9.24
N VAL A 361 -0.52 -8.26 -10.41
CA VAL A 361 0.29 -7.21 -11.07
C VAL A 361 -0.54 -5.96 -11.45
N SER A 362 -1.73 -6.21 -11.98
N SER A 362 -1.74 -6.18 -11.97
CA SER A 362 -2.63 -5.10 -12.30
CA SER A 362 -2.63 -5.07 -12.32
C SER A 362 -2.91 -4.26 -11.06
C SER A 362 -3.00 -4.25 -11.08
N LYS A 363 -3.33 -4.94 -9.99
CA LYS A 363 -3.79 -4.25 -8.76
C LYS A 363 -2.67 -3.59 -7.95
N THR A 364 -1.43 -4.07 -8.07
CA THR A 364 -0.34 -3.55 -7.25
C THR A 364 0.58 -2.60 -8.03
N ALA A 365 0.47 -2.61 -9.35
CA ALA A 365 1.37 -1.81 -10.20
C ALA A 365 0.65 -1.01 -11.26
N HIS A 366 -0.07 -1.69 -12.16
CA HIS A 366 -0.71 -1.00 -13.30
C HIS A 366 -1.73 0.05 -12.86
N ILE A 367 -2.68 -0.40 -12.03
CA ILE A 367 -3.80 0.46 -11.67
C ILE A 367 -3.41 1.57 -10.67
N PRO A 368 -2.57 1.27 -9.67
CA PRO A 368 -2.08 2.43 -8.90
C PRO A 368 -1.46 3.50 -9.81
N ALA A 369 -0.67 3.11 -10.82
CA ALA A 369 -0.04 4.12 -11.69
C ALA A 369 -1.13 4.88 -12.46
N THR A 370 -2.14 4.17 -12.93
CA THR A 370 -3.23 4.79 -13.72
C THR A 370 -4.10 5.71 -12.85
N LEU A 371 -4.49 5.18 -11.71
CA LEU A 371 -5.37 5.89 -10.79
C LEU A 371 -4.75 7.23 -10.32
N PHE A 372 -3.48 7.21 -9.92
CA PHE A 372 -2.79 8.42 -9.43
C PHE A 372 -2.07 9.22 -10.51
N ALA A 373 -2.16 8.73 -11.74
CA ALA A 373 -1.56 9.37 -12.93
C ALA A 373 -0.04 9.55 -12.76
N ILE A 374 0.62 8.47 -12.35
CA ILE A 374 2.06 8.47 -12.12
C ILE A 374 2.80 8.30 -13.45
N GLU A 375 3.74 9.21 -13.71
CA GLU A 375 4.46 9.23 -14.97
C GLU A 375 5.50 8.11 -15.02
N LYS A 376 5.44 7.32 -16.09
CA LYS A 376 6.50 6.38 -16.49
C LYS A 376 6.83 5.28 -15.49
N ARG A 377 5.86 4.89 -14.66
CA ARG A 377 6.07 3.76 -13.75
C ARG A 377 4.84 2.86 -13.77
N GLY A 378 4.99 1.65 -13.22
CA GLY A 378 3.87 0.72 -13.04
C GLY A 378 3.66 -0.28 -14.17
N TYR A 379 4.45 -0.19 -15.23
CA TYR A 379 4.25 -1.03 -16.41
C TYR A 379 5.60 -1.41 -16.98
N ILE A 380 5.69 -2.62 -17.52
CA ILE A 380 6.90 -2.99 -18.26
C ILE A 380 6.71 -2.56 -19.71
N ARG A 381 7.02 -1.29 -19.99
CA ARG A 381 6.90 -0.69 -21.33
C ARG A 381 8.21 0.04 -21.66
N PRO A 382 8.58 0.05 -22.94
CA PRO A 382 9.75 0.79 -23.36
C PRO A 382 9.59 2.28 -22.98
N GLY A 383 10.64 2.87 -22.42
CA GLY A 383 10.61 4.29 -22.06
C GLY A 383 10.20 4.54 -20.62
N TYR A 384 9.69 3.52 -19.95
CA TYR A 384 9.31 3.64 -18.55
C TYR A 384 10.51 3.41 -17.65
N TYR A 385 10.46 3.91 -16.41
CA TYR A 385 11.53 3.61 -15.45
C TYR A 385 11.66 2.13 -15.15
N ALA A 386 12.90 1.67 -15.04
CA ALA A 386 13.16 0.26 -14.74
C ALA A 386 12.99 -0.05 -13.24
N ASP A 387 11.76 0.08 -12.76
CA ASP A 387 11.35 -0.37 -11.43
C ASP A 387 10.79 -1.75 -11.60
N LEU A 388 11.54 -2.76 -11.15
CA LEU A 388 11.21 -4.15 -11.50
C LEU A 388 11.49 -5.08 -10.35
N VAL A 389 10.71 -6.16 -10.25
CA VAL A 389 10.97 -7.17 -9.24
C VAL A 389 11.00 -8.56 -9.89
N LEU A 390 11.98 -9.35 -9.51
CA LEU A 390 12.10 -10.75 -9.92
C LEU A 390 11.78 -11.59 -8.70
N VAL A 391 10.81 -12.49 -8.82
CA VAL A 391 10.46 -13.38 -7.71
C VAL A 391 10.75 -14.84 -8.06
N ASP A 392 11.15 -15.62 -7.06
CA ASP A 392 11.46 -17.05 -7.29
C ASP A 392 10.33 -17.88 -6.70
N PRO A 393 9.50 -18.51 -7.56
CA PRO A 393 8.34 -19.29 -7.07
C PRO A 393 8.70 -20.68 -6.55
N SER A 394 9.99 -21.04 -6.54
CA SER A 394 10.36 -22.32 -5.92
C SER A 394 11.45 -22.23 -4.86
N SER A 395 11.55 -21.08 -4.22
CA SER A 395 12.49 -20.84 -3.14
C SER A 395 11.70 -20.25 -1.97
N PRO A 396 11.23 -21.13 -1.04
CA PRO A 396 10.49 -20.63 0.12
C PRO A 396 11.25 -19.61 0.97
N HIS A 397 10.47 -18.78 1.64
CA HIS A 397 11.00 -17.75 2.52
C HIS A 397 10.27 -17.80 3.87
N THR A 398 11.00 -18.06 4.94
CA THR A 398 10.41 -18.09 6.28
C THR A 398 10.71 -16.77 7.00
N VAL A 399 9.68 -16.13 7.51
CA VAL A 399 9.82 -14.85 8.19
C VAL A 399 10.31 -15.11 9.62
N SER A 400 11.41 -14.44 9.98
CA SER A 400 11.98 -14.59 11.32
C SER A 400 12.57 -13.28 11.83
N ALA A 401 12.88 -13.25 13.13
CA ALA A 401 13.46 -12.07 13.77
C ALA A 401 14.74 -11.65 13.05
N ASP A 402 15.46 -12.64 12.57
CA ASP A 402 16.74 -12.43 11.91
C ASP A 402 16.64 -11.78 10.54
N ASN A 403 15.57 -12.05 9.79
CA ASN A 403 15.45 -11.50 8.46
C ASN A 403 14.39 -10.36 8.31
N ILE A 404 13.71 -9.99 9.39
CA ILE A 404 12.79 -8.84 9.37
C ILE A 404 13.60 -7.54 9.23
N LEU A 405 13.25 -6.70 8.25
CA LEU A 405 13.97 -5.43 8.04
C LEU A 405 13.36 -4.17 8.70
N SER A 406 12.04 -4.18 8.91
CA SER A 406 11.37 -3.02 9.50
C SER A 406 12.00 -2.69 10.83
N LEU A 407 12.14 -1.41 11.12
CA LEU A 407 12.83 -1.00 12.34
C LEU A 407 12.15 -1.56 13.60
N CYS A 408 10.84 -1.82 13.53
CA CYS A 408 10.08 -2.26 14.69
C CYS A 408 10.37 -3.72 15.03
N GLY A 409 10.98 -4.44 14.10
CA GLY A 409 11.56 -5.73 14.42
C GLY A 409 10.58 -6.87 14.64
N TRP A 410 9.34 -6.75 14.19
CA TRP A 410 8.39 -7.89 14.25
C TRP A 410 7.56 -7.89 12.98
N SER A 411 6.80 -8.97 12.75
CA SER A 411 5.95 -9.06 11.58
C SER A 411 4.70 -9.83 11.97
N PRO A 412 3.52 -9.43 11.46
CA PRO A 412 2.33 -10.31 11.65
C PRO A 412 2.47 -11.67 10.95
N PHE A 413 3.42 -11.78 10.02
CA PHE A 413 3.73 -13.05 9.35
C PHE A 413 4.85 -13.86 9.99
N GLU A 414 5.29 -13.46 11.19
CA GLU A 414 6.43 -14.14 11.82
C GLU A 414 6.16 -15.65 11.93
N GLY A 415 7.13 -16.47 11.52
CA GLY A 415 6.94 -17.93 11.55
C GLY A 415 6.34 -18.54 10.29
N PHE A 416 5.74 -17.72 9.43
CA PHE A 416 5.09 -18.24 8.23
C PHE A 416 6.14 -18.48 7.16
N THR A 417 5.96 -19.56 6.38
CA THR A 417 6.83 -19.85 5.22
C THR A 417 6.04 -19.61 3.94
N PHE A 418 6.47 -18.61 3.15
CA PHE A 418 5.93 -18.32 1.83
C PHE A 418 6.60 -19.20 0.80
N SER A 419 5.87 -19.62 -0.22
N SER A 419 5.84 -19.60 -0.21
CA SER A 419 6.45 -20.47 -1.26
CA SER A 419 6.33 -20.44 -1.33
C SER A 419 7.41 -19.66 -2.12
C SER A 419 7.28 -19.68 -2.24
N HIS A 420 7.14 -18.36 -2.24
CA HIS A 420 7.94 -17.44 -3.08
C HIS A 420 8.96 -16.65 -2.27
N SER A 421 10.02 -16.20 -2.94
N SER A 421 10.04 -16.20 -2.94
CA SER A 421 10.91 -15.20 -2.35
CA SER A 421 11.06 -15.30 -2.36
C SER A 421 11.18 -14.14 -3.40
C SER A 421 11.44 -14.22 -3.38
N VAL A 422 11.62 -12.97 -2.92
CA VAL A 422 12.10 -11.92 -3.82
C VAL A 422 13.57 -12.21 -4.16
N ALA A 423 13.86 -12.34 -5.45
CA ALA A 423 15.19 -12.68 -5.90
C ALA A 423 15.98 -11.40 -6.16
N TYR A 424 15.37 -10.43 -6.84
CA TYR A 424 16.04 -9.15 -7.20
C TYR A 424 15.03 -8.01 -7.25
N THR A 425 15.43 -6.81 -6.82
CA THR A 425 14.60 -5.61 -6.99
C THR A 425 15.46 -4.50 -7.59
N PHE A 426 14.95 -3.95 -8.69
CA PHE A 426 15.59 -2.81 -9.37
C PHE A 426 14.71 -1.58 -9.15
N VAL A 427 15.36 -0.46 -8.85
CA VAL A 427 14.72 0.83 -8.69
C VAL A 427 15.44 1.76 -9.65
N ASN A 428 14.73 2.24 -10.69
CA ASN A 428 15.36 3.11 -11.71
C ASN A 428 16.60 2.45 -12.32
N GLY A 429 16.52 1.14 -12.55
CA GLY A 429 17.62 0.38 -13.18
C GLY A 429 18.78 0.05 -12.26
N CYS A 430 18.70 0.46 -10.99
CA CYS A 430 19.72 0.17 -9.98
C CYS A 430 19.29 -1.03 -9.21
N LEU A 431 20.17 -2.02 -9.13
CA LEU A 431 19.88 -3.19 -8.32
C LEU A 431 19.92 -2.80 -6.83
N ALA A 432 18.76 -2.87 -6.15
CA ALA A 432 18.63 -2.42 -4.76
C ALA A 432 18.65 -3.55 -3.73
N TYR A 433 18.38 -4.75 -4.22
CA TYR A 433 18.22 -5.92 -3.36
C TYR A 433 18.43 -7.16 -4.22
N ALA A 434 19.22 -8.10 -3.70
CA ALA A 434 19.52 -9.33 -4.43
C ALA A 434 19.77 -10.41 -3.42
N LYS A 435 19.07 -11.53 -3.59
CA LYS A 435 19.38 -12.76 -2.84
C LYS A 435 19.50 -12.52 -1.34
N GLY A 436 18.49 -11.89 -0.78
CA GLY A 436 18.36 -11.70 0.65
C GLY A 436 19.08 -10.52 1.23
N ARG A 437 19.80 -9.75 0.41
CA ARG A 437 20.61 -8.65 0.93
C ARG A 437 20.35 -7.33 0.20
N LEU A 438 20.23 -6.25 0.97
CA LEU A 438 20.20 -4.92 0.39
C LEU A 438 21.51 -4.64 -0.33
N ALA A 439 21.45 -3.87 -1.41
CA ALA A 439 22.65 -3.38 -2.10
C ALA A 439 23.58 -2.58 -1.19
N GLU A 440 24.86 -2.56 -1.54
CA GLU A 440 25.88 -1.74 -0.86
C GLU A 440 25.57 -0.26 -0.97
N SER A 441 25.07 0.13 -2.13
CA SER A 441 24.78 1.53 -2.44
C SER A 441 23.28 1.71 -2.61
N ARG A 442 22.77 2.82 -2.07
CA ARG A 442 21.38 3.19 -2.24
C ARG A 442 21.11 3.41 -3.73
N PRO A 443 19.97 2.91 -4.24
CA PRO A 443 19.67 3.15 -5.65
C PRO A 443 19.34 4.62 -5.87
N THR A 444 19.45 5.04 -7.13
CA THR A 444 18.86 6.32 -7.52
C THR A 444 17.36 6.27 -7.28
N VAL A 445 16.83 7.31 -6.62
CA VAL A 445 15.39 7.41 -6.37
C VAL A 445 14.88 8.76 -6.90
N HIS A 446 13.58 8.83 -7.20
CA HIS A 446 12.95 10.05 -7.70
C HIS A 446 11.63 10.30 -6.95
N PRO A 447 11.19 11.57 -6.89
CA PRO A 447 9.80 11.75 -6.46
C PRO A 447 8.92 11.17 -7.56
N LEU A 448 7.86 10.50 -7.15
CA LEU A 448 6.80 10.18 -8.12
C LEU A 448 6.27 11.48 -8.71
N PHE A 449 5.99 11.48 -10.02
CA PHE A 449 5.44 12.67 -10.68
C PHE A 449 4.01 12.37 -11.09
N PHE A 450 3.10 13.25 -10.69
CA PHE A 450 1.67 13.03 -10.88
C PHE A 450 1.08 14.00 -11.91
N ASN A 451 0.31 13.44 -12.84
N ASN A 451 0.07 13.52 -12.63
CA ASN A 451 -0.12 14.10 -14.09
CA ASN A 451 -0.82 14.35 -13.47
C ASN A 451 1.01 14.92 -14.77
C ASN A 451 -0.10 15.09 -14.57
#